data_7UC3
#
_entry.id   7UC3
#
_cell.length_a   31.542
_cell.length_b   46.647
_cell.length_c   48.536
_cell.angle_alpha   90.000
_cell.angle_beta   90.594
_cell.angle_gamma   90.000
#
_symmetry.space_group_name_H-M   'P 1 21 1'
#
loop_
_entity.id
_entity.type
_entity.pdbx_description
1 polymer Adhesin
2 non-polymer 'MAGNESIUM ION'
3 water water
#
_entity_poly.entity_id   1
_entity_poly.type   'polypeptide(L)'
_entity_poly.pdbx_seq_one_letter_code
;GARVTNKKIVSSLQTTVEADGQSSTAEKSAEVTENKDGVNVVDTIHYKGLIPKQKYEVVGILYEVKDGKLVDPNKPITIS
NGTGEYTVSDSGEGEWKLNFGKIDGVEARKSYVVYEEVTSVENLVDTDNDGNPDKKHEVEHKDPKDKSQTFVVKP
;
_entity_poly.pdbx_strand_id   A
#
loop_
_chem_comp.id
_chem_comp.type
_chem_comp.name
_chem_comp.formula
MG non-polymer 'MAGNESIUM ION' 'Mg 2'
#
# COMPACT_ATOMS: atom_id res chain seq x y z
N VAL A 10 13.81 -10.70 -8.05
CA VAL A 10 12.43 -10.66 -8.62
C VAL A 10 11.43 -10.57 -7.47
N SER A 11 10.59 -9.54 -7.45
CA SER A 11 9.79 -9.13 -6.27
C SER A 11 8.48 -8.47 -6.70
N SER A 12 7.46 -8.56 -5.85
CA SER A 12 6.15 -7.91 -6.11
C SER A 12 5.40 -7.71 -4.80
N LEU A 13 4.45 -6.78 -4.82
CA LEU A 13 3.47 -6.59 -3.72
C LEU A 13 2.08 -6.77 -4.31
N GLN A 14 1.21 -7.47 -3.59
CA GLN A 14 -0.25 -7.41 -3.81
C GLN A 14 -0.84 -6.83 -2.54
N THR A 15 -1.91 -6.06 -2.66
CA THR A 15 -2.42 -5.25 -1.54
C THR A 15 -3.93 -5.39 -1.44
N THR A 16 -4.44 -5.36 -0.21
CA THR A 16 -5.87 -5.44 0.10
C THR A 16 -6.21 -4.30 1.05
N VAL A 17 -7.03 -3.36 0.59
CA VAL A 17 -7.51 -2.24 1.44
C VAL A 17 -8.73 -2.70 2.23
N GLU A 18 -8.80 -2.28 3.50
CA GLU A 18 -9.97 -2.45 4.39
C GLU A 18 -10.40 -1.05 4.85
N ALA A 19 -11.63 -0.68 4.56
CA ALA A 19 -12.22 0.64 4.91
C ALA A 19 -13.37 0.41 5.87
N ASP A 20 -13.27 0.95 7.10
CA ASP A 20 -14.26 0.74 8.18
C ASP A 20 -14.67 -0.73 8.21
N GLY A 21 -13.68 -1.64 8.25
CA GLY A 21 -13.88 -3.08 8.51
C GLY A 21 -14.29 -3.85 7.25
N GLN A 22 -14.54 -3.16 6.14
CA GLN A 22 -14.97 -3.76 4.86
C GLN A 22 -13.74 -3.97 3.97
N SER A 23 -13.40 -5.23 3.67
CA SER A 23 -12.21 -5.60 2.87
CA SER A 23 -12.21 -5.58 2.86
C SER A 23 -12.57 -5.63 1.37
N SER A 24 -11.72 -5.05 0.54
CA SER A 24 -11.80 -5.17 -0.93
C SER A 24 -11.22 -6.52 -1.34
N THR A 25 -11.56 -6.97 -2.55
CA THR A 25 -10.97 -8.14 -3.22
C THR A 25 -10.63 -7.72 -4.64
N ALA A 26 -9.88 -8.55 -5.37
CA ALA A 26 -9.57 -8.35 -6.81
C ALA A 26 -10.89 -8.24 -7.58
N GLU A 27 -11.94 -8.89 -7.07
CA GLU A 27 -13.27 -9.04 -7.71
C GLU A 27 -14.17 -7.84 -7.43
N LYS A 28 -14.11 -7.29 -6.20
CA LYS A 28 -15.13 -6.35 -5.68
C LYS A 28 -14.50 -5.40 -4.65
N SER A 29 -14.56 -4.10 -4.91
CA SER A 29 -14.12 -3.05 -3.97
C SER A 29 -15.12 -2.94 -2.81
N ALA A 30 -14.61 -2.76 -1.59
CA ALA A 30 -15.41 -2.45 -0.39
C ALA A 30 -16.20 -1.16 -0.64
N GLU A 31 -17.44 -1.11 -0.15
CA GLU A 31 -18.29 0.11 -0.14
C GLU A 31 -18.50 0.54 1.31
N VAL A 32 -18.30 1.82 1.60
CA VAL A 32 -18.48 2.41 2.95
C VAL A 32 -19.35 3.67 2.83
N THR A 33 -19.97 4.08 3.94
CA THR A 33 -20.71 5.36 4.06
C THR A 33 -19.73 6.41 4.57
N GLU A 34 -19.83 7.65 4.08
CA GLU A 34 -19.07 8.82 4.63
C GLU A 34 -19.27 8.84 6.15
N ASN A 35 -18.20 9.06 6.91
CA ASN A 35 -18.11 8.72 8.37
C ASN A 35 -18.15 9.98 9.25
N LYS A 36 -17.58 11.11 8.79
CA LYS A 36 -17.53 12.41 9.53
C LYS A 36 -16.43 12.37 10.60
N ASP A 37 -16.41 11.32 11.44
CA ASP A 37 -15.30 10.98 12.36
C ASP A 37 -14.11 10.43 11.58
N GLY A 38 -14.22 10.33 10.24
CA GLY A 38 -13.17 9.79 9.37
C GLY A 38 -13.36 8.30 9.13
N VAL A 39 -12.88 7.80 8.01
CA VAL A 39 -12.99 6.36 7.63
C VAL A 39 -11.67 5.68 8.02
N ASN A 40 -11.75 4.59 8.78
CA ASN A 40 -10.54 3.80 9.17
C ASN A 40 -10.06 3.09 7.90
N VAL A 41 -8.79 3.29 7.54
CA VAL A 41 -8.21 2.67 6.32
C VAL A 41 -6.99 1.86 6.74
N VAL A 42 -7.01 0.57 6.44
CA VAL A 42 -5.86 -0.35 6.66
C VAL A 42 -5.54 -0.97 5.32
N ASP A 43 -4.26 -1.25 5.07
CA ASP A 43 -3.84 -1.94 3.84
C ASP A 43 -3.00 -3.15 4.22
N THR A 44 -3.41 -4.33 3.77
CA THR A 44 -2.58 -5.55 3.90
C THR A 44 -1.66 -5.61 2.69
N ILE A 45 -0.37 -5.73 2.94
CA ILE A 45 0.70 -5.87 1.92
C ILE A 45 1.08 -7.34 1.92
N HIS A 46 0.76 -8.04 0.85
CA HIS A 46 1.28 -9.41 0.61
C HIS A 46 2.51 -9.27 -0.28
N TYR A 47 3.69 -9.46 0.30
CA TYR A 47 4.97 -9.28 -0.40
C TYR A 47 5.49 -10.64 -0.87
N LYS A 48 6.22 -10.63 -1.99
CA LYS A 48 6.82 -11.84 -2.61
C LYS A 48 8.22 -11.46 -3.05
N GLY A 49 9.22 -12.30 -2.77
CA GLY A 49 10.58 -12.14 -3.30
C GLY A 49 11.32 -11.00 -2.62
N LEU A 50 10.95 -10.65 -1.40
CA LEU A 50 11.76 -9.72 -0.61
C LEU A 50 12.92 -10.50 0.00
N ILE A 51 13.94 -9.80 0.47
CA ILE A 51 15.17 -10.47 0.97
C ILE A 51 14.91 -10.98 2.38
N PRO A 52 14.96 -12.30 2.61
CA PRO A 52 14.59 -12.85 3.91
C PRO A 52 15.31 -12.19 5.08
N LYS A 53 14.57 -11.95 6.16
CA LYS A 53 15.06 -11.47 7.48
C LYS A 53 15.48 -10.01 7.41
N GLN A 54 15.44 -9.39 6.23
CA GLN A 54 15.84 -7.97 6.12
C GLN A 54 14.72 -7.04 6.58
N LYS A 55 15.13 -5.86 7.04
CA LYS A 55 14.22 -4.79 7.45
C LYS A 55 13.92 -3.91 6.25
N TYR A 56 12.65 -3.54 6.09
CA TYR A 56 12.17 -2.62 5.04
C TYR A 56 11.34 -1.52 5.69
N GLU A 57 11.22 -0.41 4.98
CA GLU A 57 10.28 0.67 5.33
C GLU A 57 9.17 0.70 4.29
N VAL A 58 8.00 1.13 4.73
CA VAL A 58 6.76 1.14 3.92
C VAL A 58 6.26 2.57 3.88
N VAL A 59 5.92 3.04 2.69
CA VAL A 59 5.11 4.27 2.50
C VAL A 59 3.82 3.87 1.80
N GLY A 60 2.69 4.02 2.48
CA GLY A 60 1.36 3.85 1.88
C GLY A 60 0.78 5.21 1.55
N ILE A 61 0.12 5.32 0.41
CA ILE A 61 -0.49 6.60 -0.06
C ILE A 61 -1.90 6.31 -0.55
N LEU A 62 -2.86 7.12 -0.10
CA LEU A 62 -4.27 7.02 -0.51
C LEU A 62 -4.57 8.15 -1.50
N TYR A 63 -5.08 7.78 -2.68
CA TYR A 63 -5.44 8.74 -3.75
C TYR A 63 -6.92 8.61 -4.10
N GLU A 64 -7.55 9.73 -4.45
CA GLU A 64 -8.88 9.72 -5.10
C GLU A 64 -8.69 9.16 -6.51
N VAL A 65 -9.57 8.28 -6.93
CA VAL A 65 -9.49 7.57 -8.25
C VAL A 65 -10.89 7.59 -8.87
N LYS A 66 -10.95 7.71 -10.19
CA LYS A 66 -12.23 7.65 -10.96
C LYS A 66 -11.94 6.87 -12.24
N ASP A 67 -12.71 5.80 -12.47
CA ASP A 67 -12.61 4.94 -13.69
C ASP A 67 -11.16 4.50 -13.89
N GLY A 68 -10.45 4.18 -12.81
CA GLY A 68 -9.11 3.57 -12.86
C GLY A 68 -8.01 4.56 -13.19
N LYS A 69 -8.24 5.86 -13.02
CA LYS A 69 -7.21 6.92 -13.19
C LYS A 69 -7.20 7.82 -11.95
N LEU A 70 -6.02 8.15 -11.43
CA LEU A 70 -5.88 9.10 -10.29
C LEU A 70 -6.40 10.46 -10.73
N VAL A 71 -7.24 11.06 -9.90
CA VAL A 71 -7.95 12.34 -10.15
C VAL A 71 -6.97 13.51 -9.96
N ASP A 72 -6.03 13.35 -9.02
CA ASP A 72 -5.13 14.41 -8.53
C ASP A 72 -3.87 13.73 -8.00
N PRO A 73 -3.08 13.08 -8.89
CA PRO A 73 -1.93 12.25 -8.47
C PRO A 73 -0.86 12.98 -7.65
N ASN A 74 -0.87 14.31 -7.62
CA ASN A 74 0.10 15.15 -6.85
C ASN A 74 -0.51 15.58 -5.51
N LYS A 75 -1.76 15.20 -5.22
CA LYS A 75 -2.46 15.58 -3.96
C LYS A 75 -3.03 14.33 -3.31
N PRO A 76 -2.19 13.54 -2.61
CA PRO A 76 -2.69 12.40 -1.86
C PRO A 76 -3.67 12.83 -0.75
N ILE A 77 -4.63 11.96 -0.46
CA ILE A 77 -5.59 12.15 0.66
C ILE A 77 -4.78 12.03 1.96
N THR A 78 -3.90 11.02 2.05
CA THR A 78 -3.09 10.75 3.25
C THR A 78 -1.89 9.89 2.86
N ILE A 79 -0.84 9.97 3.69
CA ILE A 79 0.42 9.18 3.57
C ILE A 79 0.71 8.57 4.94
N SER A 80 0.98 7.28 4.98
CA SER A 80 1.34 6.54 6.21
C SER A 80 2.68 5.83 6.06
N ASN A 81 3.52 5.90 7.09
CA ASN A 81 4.83 5.21 7.17
C ASN A 81 4.69 3.98 8.08
N GLY A 82 3.51 3.70 8.61
CA GLY A 82 3.24 2.56 9.51
C GLY A 82 4.12 2.58 10.75
N THR A 83 4.66 1.42 11.12
CA THR A 83 5.47 1.24 12.36
C THR A 83 6.90 1.71 12.14
N GLY A 84 7.25 2.05 10.89
CA GLY A 84 8.57 2.58 10.54
C GLY A 84 9.57 1.49 10.20
N GLU A 85 9.30 0.22 10.53
CA GLU A 85 10.21 -0.90 10.14
C GLU A 85 9.45 -2.23 10.08
N TYR A 86 9.68 -2.98 9.00
CA TYR A 86 8.97 -4.22 8.63
C TYR A 86 10.01 -5.31 8.37
N THR A 87 9.73 -6.53 8.80
CA THR A 87 10.72 -7.63 8.76
C THR A 87 10.23 -8.70 7.80
N VAL A 88 11.07 -9.07 6.85
CA VAL A 88 10.72 -10.09 5.84
C VAL A 88 10.79 -11.47 6.49
N SER A 89 9.82 -12.30 6.16
CA SER A 89 9.77 -13.74 6.54
C SER A 89 11.03 -14.47 6.06
N ASP A 90 11.23 -15.69 6.55
CA ASP A 90 12.36 -16.54 6.13
C ASP A 90 12.23 -16.91 4.64
N SER A 91 11.01 -16.96 4.10
CA SER A 91 10.76 -17.41 2.70
C SER A 91 10.86 -16.24 1.72
N GLY A 92 10.75 -15.00 2.21
CA GLY A 92 10.70 -13.81 1.34
C GLY A 92 9.28 -13.48 0.91
N GLU A 93 8.30 -14.28 1.33
CA GLU A 93 6.86 -14.04 1.03
C GLU A 93 6.10 -14.00 2.35
N GLY A 94 5.11 -13.12 2.45
CA GLY A 94 4.38 -12.94 3.72
C GLY A 94 3.53 -11.70 3.68
N GLU A 95 3.02 -11.29 4.84
CA GLU A 95 2.09 -10.15 4.93
C GLU A 95 2.54 -9.20 6.02
N TRP A 96 2.33 -7.91 5.74
CA TRP A 96 2.41 -6.81 6.71
C TRP A 96 1.09 -6.06 6.66
N LYS A 97 0.74 -5.37 7.73
CA LYS A 97 -0.50 -4.57 7.77
C LYS A 97 -0.08 -3.14 8.05
N LEU A 98 -0.49 -2.21 7.18
CA LEU A 98 -0.23 -0.76 7.32
C LEU A 98 -1.52 -0.06 7.73
N ASN A 99 -1.55 0.57 8.90
CA ASN A 99 -2.69 1.41 9.32
C ASN A 99 -2.46 2.83 8.77
N PHE A 100 -3.47 3.41 8.13
CA PHE A 100 -3.51 4.85 7.79
C PHE A 100 -4.18 5.65 8.92
N GLY A 101 -4.99 4.98 9.74
CA GLY A 101 -5.79 5.65 10.78
C GLY A 101 -7.16 6.03 10.25
N LYS A 102 -7.85 6.94 10.96
CA LYS A 102 -9.23 7.39 10.61
C LYS A 102 -9.07 8.64 9.74
N ILE A 103 -9.39 8.53 8.45
CA ILE A 103 -9.01 9.51 7.39
C ILE A 103 -10.18 10.44 7.09
N ASP A 104 -9.92 11.74 7.17
CA ASP A 104 -10.83 12.84 6.76
C ASP A 104 -10.75 13.02 5.25
N GLY A 105 -11.74 13.67 4.65
CA GLY A 105 -11.73 14.03 3.21
C GLY A 105 -12.02 12.83 2.32
N VAL A 106 -12.58 11.76 2.89
CA VAL A 106 -13.13 10.58 2.15
C VAL A 106 -14.62 10.85 1.91
N GLU A 107 -14.98 11.22 0.68
CA GLU A 107 -16.28 11.88 0.39
C GLU A 107 -17.21 10.92 -0.37
N ALA A 108 -18.51 11.06 -0.11
CA ALA A 108 -19.61 10.36 -0.82
C ALA A 108 -19.42 10.48 -2.33
N ARG A 109 -19.70 9.38 -3.04
CA ARG A 109 -19.79 9.31 -4.53
C ARG A 109 -18.39 9.19 -5.14
N LYS A 110 -17.34 9.05 -4.32
CA LYS A 110 -15.94 9.01 -4.81
C LYS A 110 -15.28 7.70 -4.39
N SER A 111 -14.25 7.31 -5.13
CA SER A 111 -13.44 6.10 -4.88
C SER A 111 -12.02 6.50 -4.51
N TYR A 112 -11.35 5.66 -3.74
CA TYR A 112 -9.98 5.89 -3.24
C TYR A 112 -9.16 4.62 -3.38
N VAL A 113 -7.90 4.77 -3.79
CA VAL A 113 -6.99 3.63 -4.06
C VAL A 113 -5.70 3.81 -3.24
N VAL A 114 -5.22 2.71 -2.70
CA VAL A 114 -3.94 2.64 -1.96
C VAL A 114 -2.81 2.26 -2.91
N TYR A 115 -1.74 3.05 -2.86
CA TYR A 115 -0.42 2.77 -3.46
C TYR A 115 0.55 2.43 -2.34
N GLU A 116 1.51 1.55 -2.61
CA GLU A 116 2.50 1.10 -1.60
C GLU A 116 3.89 1.14 -2.22
N GLU A 117 4.85 1.70 -1.48
CA GLU A 117 6.29 1.68 -1.79
C GLU A 117 7.01 1.01 -0.64
N VAL A 118 7.79 -0.03 -0.94
CA VAL A 118 8.58 -0.80 0.06
C VAL A 118 10.05 -0.64 -0.30
N THR A 119 10.87 -0.23 0.68
CA THR A 119 12.29 0.08 0.46
C THR A 119 13.11 -0.57 1.56
N SER A 120 14.13 -1.35 1.22
CA SER A 120 14.99 -2.00 2.24
C SER A 120 15.71 -0.92 3.05
N VAL A 121 15.95 -1.19 4.32
CA VAL A 121 16.75 -0.28 5.18
C VAL A 121 18.21 -0.32 4.74
N GLU A 122 18.71 -1.50 4.38
CA GLU A 122 20.14 -1.72 4.01
C GLU A 122 20.27 -1.70 2.49
N ASN A 123 21.45 -1.33 2.00
CA ASN A 123 21.79 -1.58 0.58
C ASN A 123 21.78 -3.09 0.38
N LEU A 124 21.02 -3.56 -0.60
CA LEU A 124 20.90 -5.02 -0.86
C LEU A 124 21.18 -5.36 -2.33
N VAL A 125 21.31 -4.35 -3.18
CA VAL A 125 21.40 -4.54 -4.66
C VAL A 125 22.73 -3.97 -5.12
N ASP A 126 23.53 -4.81 -5.77
CA ASP A 126 24.81 -4.44 -6.41
C ASP A 126 24.47 -4.07 -7.85
N THR A 127 24.59 -2.78 -8.21
CA THR A 127 24.18 -2.28 -9.55
C THR A 127 25.38 -2.17 -10.49
N ASP A 128 26.61 -2.26 -9.98
CA ASP A 128 27.83 -2.00 -10.78
C ASP A 128 28.81 -3.17 -10.72
N ASN A 129 28.38 -4.29 -10.12
CA ASN A 129 29.15 -5.56 -10.07
C ASN A 129 30.50 -5.38 -9.37
N ASP A 130 30.64 -4.45 -8.42
CA ASP A 130 31.89 -4.36 -7.62
C ASP A 130 31.87 -5.36 -6.46
N GLY A 131 30.77 -6.11 -6.28
CA GLY A 131 30.67 -7.14 -5.23
C GLY A 131 30.08 -6.58 -3.94
N ASN A 132 29.74 -5.29 -3.91
CA ASN A 132 29.18 -4.62 -2.71
C ASN A 132 27.80 -4.09 -3.07
N PRO A 133 26.76 -4.34 -2.24
CA PRO A 133 25.46 -3.75 -2.51
C PRO A 133 25.58 -2.23 -2.37
N ASP A 134 24.95 -1.52 -3.30
CA ASP A 134 25.06 -0.04 -3.37
C ASP A 134 23.68 0.62 -3.46
N LYS A 135 22.61 -0.17 -3.59
CA LYS A 135 21.24 0.35 -3.77
C LYS A 135 20.32 -0.37 -2.80
N LYS A 136 19.33 0.36 -2.26
CA LYS A 136 18.22 -0.28 -1.50
C LYS A 136 17.40 -1.11 -2.47
N HIS A 137 16.84 -2.21 -1.98
CA HIS A 137 15.82 -2.99 -2.69
C HIS A 137 14.51 -2.20 -2.66
N GLU A 138 13.95 -1.88 -3.81
CA GLU A 138 12.71 -1.08 -3.94
C GLU A 138 11.66 -1.90 -4.67
N VAL A 139 10.47 -2.01 -4.08
CA VAL A 139 9.32 -2.73 -4.67
C VAL A 139 8.09 -1.85 -4.44
N GLU A 140 7.21 -1.76 -5.42
CA GLU A 140 5.98 -0.93 -5.27
C GLU A 140 4.79 -1.64 -5.88
N HIS A 141 3.61 -1.18 -5.50
CA HIS A 141 2.33 -1.53 -6.14
C HIS A 141 1.53 -0.24 -6.28
N LYS A 142 1.46 0.28 -7.51
CA LYS A 142 0.84 1.57 -7.83
C LYS A 142 -0.10 1.35 -9.02
N ASP A 143 -1.21 0.67 -8.75
CA ASP A 143 -2.16 0.23 -9.80
C ASP A 143 -3.48 0.94 -9.54
N PRO A 144 -3.82 1.99 -10.31
CA PRO A 144 -5.07 2.73 -10.07
C PRO A 144 -6.33 1.96 -10.49
N LYS A 145 -6.17 0.80 -11.15
CA LYS A 145 -7.32 -0.05 -11.59
C LYS A 145 -7.51 -1.24 -10.64
N ASP A 146 -6.70 -1.36 -9.59
CA ASP A 146 -6.74 -2.55 -8.70
C ASP A 146 -7.92 -2.43 -7.74
N LYS A 147 -9.00 -3.17 -7.98
CA LYS A 147 -10.19 -3.19 -7.09
C LYS A 147 -9.77 -3.58 -5.68
N SER A 148 -8.71 -4.39 -5.53
CA SER A 148 -8.28 -4.93 -4.21
C SER A 148 -7.76 -3.77 -3.35
N GLN A 149 -7.22 -2.73 -3.98
CA GLN A 149 -6.61 -1.55 -3.31
C GLN A 149 -7.59 -0.38 -3.27
N THR A 150 -8.79 -0.54 -3.80
CA THR A 150 -9.77 0.56 -3.99
C THR A 150 -10.98 0.34 -3.09
N PHE A 151 -11.50 1.41 -2.48
CA PHE A 151 -12.84 1.39 -1.83
C PHE A 151 -13.68 2.55 -2.37
N VAL A 152 -14.99 2.34 -2.31
CA VAL A 152 -16.03 3.26 -2.84
C VAL A 152 -16.80 3.83 -1.66
N VAL A 153 -17.04 5.14 -1.64
CA VAL A 153 -17.85 5.79 -0.58
C VAL A 153 -19.25 6.04 -1.15
N LYS A 154 -20.28 5.69 -0.37
CA LYS A 154 -21.71 5.91 -0.71
C LYS A 154 -22.17 7.24 -0.10
MG MG B . 28.11 -2.22 -5.99
#